data_1AI9
#
_entry.id   1AI9
#
_cell.length_a   77.200
_cell.length_b   67.570
_cell.length_c   38.660
_cell.angle_alpha   90.00
_cell.angle_beta   93.06
_cell.angle_gamma   90.00
#
_symmetry.space_group_name_H-M   'P 1 21 1'
#
loop_
_entity.id
_entity.type
_entity.pdbx_description
1 polymer 'DIHYDROFOLATE REDUCTASE'
2 non-polymer 'NADPH DIHYDRO-NICOTINAMIDE-ADENINE-DINUCLEOTIDE PHOSPHATE'
3 water water
#
_entity_poly.entity_id   1
_entity_poly.type   'polypeptide(L)'
_entity_poly.pdbx_seq_one_letter_code
;MLKPNVAIIVAALKPALGIGYKGKMPWRLRKEIRYFKDVTTRTTKPNTRNAVIMGRKTWESIPQKFRPLPDRLNIILSRS
YENEIIDDNIIHASSIESSLNLVSDVERVFIIGGAEIYNELINNSLVSHLLITEIEHPSPESIEMDTFLKFPLESWTKQP
KSELQKFVGDTVLEDDIKEGDFTYNYTLWTRK
;
_entity_poly.pdbx_strand_id   A,B
#
# COMPACT_ATOMS: atom_id res chain seq x y z
N MET A 1 17.58 -1.81 -0.17
CA MET A 1 16.28 -1.38 -0.72
C MET A 1 15.31 -1.32 0.51
N LEU A 2 14.73 -0.19 0.72
CA LEU A 2 13.86 0.15 1.82
C LEU A 2 12.35 -0.03 1.42
N LYS A 3 11.70 -0.86 2.22
CA LYS A 3 10.25 -1.08 2.11
C LYS A 3 9.70 -1.11 0.72
N PRO A 4 10.18 -2.03 -0.14
CA PRO A 4 9.62 -2.22 -1.48
C PRO A 4 8.22 -2.86 -1.43
N ASN A 5 7.47 -2.72 -2.53
CA ASN A 5 6.14 -3.43 -2.55
C ASN A 5 6.52 -4.86 -2.92
N VAL A 6 5.91 -5.88 -2.48
CA VAL A 6 6.29 -7.25 -2.90
C VAL A 6 5.06 -7.91 -3.49
N ALA A 7 5.21 -8.84 -4.45
CA ALA A 7 4.05 -9.51 -5.01
C ALA A 7 4.22 -11.02 -4.74
N ILE A 8 3.11 -11.70 -4.47
CA ILE A 8 3.17 -13.14 -4.25
C ILE A 8 2.75 -13.67 -5.68
N ILE A 9 3.45 -14.68 -6.17
CA ILE A 9 2.95 -15.25 -7.48
C ILE A 9 2.76 -16.74 -7.16
N VAL A 10 1.56 -17.29 -7.39
CA VAL A 10 1.17 -18.66 -7.13
C VAL A 10 0.06 -19.15 -8.08
N ALA A 11 -0.04 -20.44 -8.32
CA ALA A 11 -1.04 -21.16 -9.05
C ALA A 11 -1.79 -22.09 -8.03
N ALA A 12 -3.08 -21.98 -7.97
CA ALA A 12 -3.88 -22.77 -6.97
C ALA A 12 -5.16 -23.31 -7.64
N LEU A 13 -5.53 -24.51 -7.26
CA LEU A 13 -6.72 -25.20 -7.72
C LEU A 13 -7.90 -24.82 -6.78
N LYS A 14 -8.92 -24.37 -7.43
CA LYS A 14 -10.16 -24.00 -6.73
C LYS A 14 -11.17 -25.12 -6.57
N PRO A 15 -12.04 -25.01 -5.54
CA PRO A 15 -12.13 -23.92 -4.60
C PRO A 15 -11.22 -23.93 -3.42
N ALA A 16 -10.65 -25.03 -3.00
CA ALA A 16 -9.84 -25.22 -1.82
C ALA A 16 -8.50 -24.48 -1.79
N LEU A 17 -8.07 -24.10 -3.00
CA LEU A 17 -6.78 -23.44 -3.20
C LEU A 17 -5.62 -24.33 -2.88
N GLY A 18 -5.67 -25.56 -3.40
CA GLY A 18 -4.62 -26.57 -3.25
C GLY A 18 -3.42 -26.22 -4.15
N ILE A 19 -2.24 -26.45 -3.62
CA ILE A 19 -0.97 -26.12 -4.28
C ILE A 19 0.04 -27.19 -4.57
N GLY A 20 -0.14 -28.34 -3.96
CA GLY A 20 0.78 -29.45 -4.10
C GLY A 20 0.39 -30.70 -3.35
N TYR A 21 1.29 -31.67 -3.57
CA TYR A 21 1.16 -33.03 -2.99
C TYR A 21 2.56 -33.63 -2.95
N LYS A 22 2.99 -34.10 -1.79
CA LYS A 22 4.34 -34.67 -1.59
C LYS A 22 5.32 -33.51 -1.39
N GLY A 23 5.47 -32.78 -2.47
CA GLY A 23 6.38 -31.64 -2.60
C GLY A 23 6.40 -31.28 -4.11
N LYS A 24 5.32 -31.60 -4.78
CA LYS A 24 5.15 -31.35 -6.20
C LYS A 24 3.78 -30.75 -6.56
N MET A 25 3.71 -30.06 -7.68
CA MET A 25 2.40 -29.50 -8.15
C MET A 25 1.69 -30.66 -8.86
N PRO A 26 0.43 -30.86 -8.52
CA PRO A 26 -0.40 -31.88 -9.13
C PRO A 26 -0.80 -31.69 -10.59
N TRP A 27 -0.11 -30.92 -11.38
CA TRP A 27 -0.39 -30.60 -12.78
C TRP A 27 0.86 -30.12 -13.50
N ARG A 28 0.72 -30.02 -14.82
CA ARG A 28 1.81 -29.49 -15.67
C ARG A 28 1.21 -28.54 -16.71
N LEU A 29 1.17 -27.30 -16.34
CA LEU A 29 0.56 -26.26 -17.22
C LEU A 29 1.71 -25.61 -17.95
N ARG A 30 1.93 -26.01 -19.21
CA ARG A 30 3.04 -25.44 -19.99
C ARG A 30 2.94 -23.94 -20.18
N LYS A 31 1.78 -23.40 -20.47
CA LYS A 31 1.59 -21.97 -20.67
C LYS A 31 1.86 -21.21 -19.39
N GLU A 32 1.49 -21.84 -18.27
CA GLU A 32 1.68 -21.17 -16.95
C GLU A 32 3.10 -20.93 -16.65
N ILE A 33 3.93 -21.94 -16.85
CA ILE A 33 5.38 -21.93 -16.67
C ILE A 33 6.00 -20.80 -17.48
N ARG A 34 5.64 -20.60 -18.73
CA ARG A 34 6.11 -19.48 -19.55
C ARG A 34 5.66 -18.12 -18.99
N TYR A 35 4.44 -17.99 -18.50
CA TYR A 35 3.92 -16.72 -17.97
C TYR A 35 4.79 -16.41 -16.72
N PHE A 36 4.90 -17.40 -15.88
CA PHE A 36 5.72 -17.26 -14.63
C PHE A 36 7.08 -16.65 -15.01
N LYS A 37 7.65 -17.20 -16.08
CA LYS A 37 8.98 -16.79 -16.54
C LYS A 37 8.97 -15.35 -17.01
N ASP A 38 8.09 -14.94 -17.86
CA ASP A 38 7.97 -13.58 -18.37
C ASP A 38 7.70 -12.56 -17.24
N VAL A 39 6.73 -12.93 -16.41
CA VAL A 39 6.38 -11.93 -15.35
C VAL A 39 7.54 -11.68 -14.41
N THR A 40 8.23 -12.71 -13.99
CA THR A 40 9.29 -12.62 -13.02
C THR A 40 10.60 -12.10 -13.58
N THR A 41 10.71 -12.14 -14.91
CA THR A 41 11.97 -11.68 -15.55
C THR A 41 11.90 -10.28 -16.06
N ARG A 42 10.82 -9.85 -16.68
CA ARG A 42 10.70 -8.53 -17.33
C ARG A 42 10.78 -7.34 -16.41
N THR A 43 11.53 -6.33 -16.88
CA THR A 43 11.68 -5.03 -16.19
C THR A 43 11.48 -3.88 -17.19
N THR A 44 11.22 -2.70 -16.63
CA THR A 44 10.96 -1.47 -17.40
C THR A 44 12.19 -0.57 -17.37
N LYS A 45 12.79 -0.51 -16.20
CA LYS A 45 14.00 0.35 -16.00
C LYS A 45 15.16 -0.27 -16.74
N PRO A 46 16.18 0.56 -16.96
CA PRO A 46 17.34 0.16 -17.73
C PRO A 46 18.17 -0.97 -17.28
N ASN A 47 18.91 -0.79 -16.20
CA ASN A 47 19.86 -1.84 -15.78
C ASN A 47 19.45 -2.36 -14.41
N THR A 48 18.24 -2.91 -14.46
CA THR A 48 17.63 -3.53 -13.29
C THR A 48 17.30 -4.98 -13.55
N ARG A 49 17.02 -5.68 -12.48
CA ARG A 49 16.62 -7.09 -12.50
C ARG A 49 15.47 -7.21 -11.46
N ASN A 50 14.72 -8.27 -11.57
CA ASN A 50 13.70 -8.50 -10.48
C ASN A 50 14.30 -9.46 -9.49
N ALA A 51 13.76 -9.55 -8.33
CA ALA A 51 14.26 -10.54 -7.31
C ALA A 51 13.15 -11.55 -7.08
N VAL A 52 13.55 -12.82 -6.94
CA VAL A 52 12.60 -13.89 -6.62
C VAL A 52 13.04 -14.39 -5.25
N ILE A 53 12.07 -14.58 -4.41
CA ILE A 53 12.32 -15.06 -3.04
C ILE A 53 11.63 -16.39 -2.84
N MET A 54 12.35 -17.36 -2.29
CA MET A 54 11.87 -18.70 -2.00
C MET A 54 12.34 -19.27 -0.70
N GLY A 55 11.67 -20.23 -0.15
CA GLY A 55 12.02 -21.01 1.05
C GLY A 55 13.13 -22.02 0.60
N ARG A 56 13.87 -22.40 1.63
CA ARG A 56 14.98 -23.38 1.41
C ARG A 56 14.48 -24.64 0.75
N LYS A 57 13.38 -25.22 1.12
CA LYS A 57 12.86 -26.43 0.48
C LYS A 57 12.55 -26.28 -1.03
N THR A 58 11.94 -25.21 -1.41
CA THR A 58 11.64 -24.92 -2.84
C THR A 58 12.99 -24.89 -3.57
N TRP A 59 13.96 -24.20 -3.04
CA TRP A 59 15.30 -24.11 -3.71
C TRP A 59 15.88 -25.51 -4.00
N GLU A 60 15.90 -26.33 -2.98
CA GLU A 60 16.44 -27.67 -3.05
C GLU A 60 15.72 -28.54 -4.00
N SER A 61 14.46 -28.17 -4.32
CA SER A 61 13.62 -28.92 -5.23
C SER A 61 13.93 -28.64 -6.69
N ILE A 62 14.69 -27.62 -6.97
CA ILE A 62 15.12 -27.29 -8.35
C ILE A 62 16.44 -28.11 -8.53
N PRO A 63 16.47 -28.84 -9.61
CA PRO A 63 17.68 -29.68 -9.94
C PRO A 63 18.88 -28.75 -9.89
N GLN A 64 19.93 -29.14 -9.23
CA GLN A 64 21.13 -28.30 -9.02
C GLN A 64 21.61 -27.60 -10.25
N LYS A 65 21.48 -28.24 -11.39
CA LYS A 65 21.95 -27.64 -12.68
C LYS A 65 21.07 -26.52 -13.20
N PHE A 66 19.84 -26.38 -12.72
CA PHE A 66 18.91 -25.36 -13.20
C PHE A 66 18.63 -24.23 -12.22
N ARG A 67 19.51 -24.04 -11.24
CA ARG A 67 19.49 -22.97 -10.26
C ARG A 67 20.88 -22.32 -10.29
N PRO A 68 20.99 -21.05 -10.12
CA PRO A 68 19.88 -20.13 -9.79
C PRO A 68 18.98 -19.98 -11.02
N LEU A 69 17.74 -19.51 -10.76
CA LEU A 69 16.88 -19.20 -11.95
C LEU A 69 17.55 -18.03 -12.66
N PRO A 70 17.73 -18.17 -13.98
CA PRO A 70 18.40 -17.15 -14.75
C PRO A 70 17.75 -15.83 -14.81
N ASP A 71 18.55 -14.77 -14.93
CA ASP A 71 18.21 -13.40 -15.11
C ASP A 71 17.45 -12.79 -13.92
N ARG A 72 17.41 -13.41 -12.79
CA ARG A 72 16.76 -12.83 -11.56
C ARG A 72 17.69 -13.04 -10.36
N LEU A 73 17.66 -12.06 -9.43
CA LEU A 73 18.43 -12.26 -8.19
C LEU A 73 17.66 -13.30 -7.38
N ASN A 74 18.24 -14.44 -7.03
CA ASN A 74 17.53 -15.46 -6.25
C ASN A 74 17.85 -15.14 -4.76
N ILE A 75 16.78 -15.17 -3.95
CA ILE A 75 16.95 -14.95 -2.52
C ILE A 75 16.31 -16.22 -1.87
N ILE A 76 17.07 -16.87 -1.05
CA ILE A 76 16.59 -18.12 -0.41
C ILE A 76 16.51 -17.86 1.11
N LEU A 77 15.37 -18.15 1.71
CA LEU A 77 15.20 -18.00 3.14
C LEU A 77 15.23 -19.31 3.91
N SER A 78 15.88 -19.18 5.07
CA SER A 78 15.89 -20.28 6.06
C SER A 78 16.16 -19.63 7.42
N ARG A 79 15.55 -20.18 8.42
CA ARG A 79 15.80 -19.68 9.83
C ARG A 79 17.19 -19.95 10.30
N SER A 80 17.97 -20.83 9.69
CA SER A 80 19.37 -21.12 10.03
C SER A 80 20.41 -20.30 9.30
N TYR A 81 19.94 -19.54 8.34
CA TYR A 81 20.76 -18.77 7.45
C TYR A 81 21.22 -17.44 8.02
N GLU A 82 22.50 -17.23 7.76
CA GLU A 82 23.08 -15.88 8.03
C GLU A 82 22.76 -15.05 6.77
N ASN A 83 22.76 -13.77 6.96
CA ASN A 83 22.51 -12.81 5.83
C ASN A 83 23.82 -12.70 5.08
N GLU A 84 23.93 -13.28 3.91
CA GLU A 84 25.18 -13.34 3.14
C GLU A 84 24.88 -13.32 1.63
N ILE A 85 25.75 -12.62 0.93
CA ILE A 85 25.68 -12.54 -0.55
C ILE A 85 26.55 -13.70 -1.01
N ILE A 86 25.98 -14.67 -1.70
CA ILE A 86 26.84 -15.79 -2.17
C ILE A 86 27.63 -15.29 -3.35
N ASP A 87 26.83 -14.92 -4.37
CA ASP A 87 27.44 -14.34 -5.61
C ASP A 87 26.47 -13.23 -6.06
N ASP A 88 26.67 -12.76 -7.26
CA ASP A 88 25.78 -11.70 -7.79
C ASP A 88 24.37 -12.16 -8.01
N ASN A 89 24.12 -13.45 -8.10
CA ASN A 89 22.78 -14.01 -8.33
C ASN A 89 22.08 -14.56 -7.17
N ILE A 90 22.74 -14.93 -6.09
CA ILE A 90 22.18 -15.66 -4.97
C ILE A 90 22.55 -14.89 -3.65
N ILE A 91 21.54 -14.87 -2.82
CA ILE A 91 21.59 -14.28 -1.46
C ILE A 91 20.96 -15.30 -0.51
N HIS A 92 21.53 -15.33 0.68
CA HIS A 92 20.95 -16.22 1.75
C HIS A 92 20.47 -15.22 2.80
N ALA A 93 19.37 -15.51 3.42
CA ALA A 93 18.80 -14.64 4.46
C ALA A 93 17.82 -15.43 5.30
N SER A 94 17.59 -14.90 6.52
CA SER A 94 16.63 -15.49 7.45
C SER A 94 15.31 -14.71 7.52
N SER A 95 15.23 -13.56 6.94
CA SER A 95 14.03 -12.75 6.89
C SER A 95 13.96 -12.02 5.52
N ILE A 96 12.74 -11.81 5.08
CA ILE A 96 12.42 -11.08 3.86
C ILE A 96 13.11 -9.72 3.87
N GLU A 97 12.77 -9.02 4.99
CA GLU A 97 13.26 -7.66 5.15
C GLU A 97 14.74 -7.49 5.22
N SER A 98 15.41 -8.33 5.93
CA SER A 98 16.88 -8.37 6.05
C SER A 98 17.48 -8.67 4.69
N SER A 99 16.85 -9.59 3.97
CA SER A 99 17.36 -9.92 2.62
C SER A 99 17.35 -8.66 1.74
N LEU A 100 16.26 -7.87 1.81
CA LEU A 100 16.11 -6.67 0.99
C LEU A 100 17.11 -5.58 1.20
N ASN A 101 17.71 -5.54 2.38
CA ASN A 101 18.79 -4.58 2.66
C ASN A 101 20.03 -4.85 1.82
N LEU A 102 20.19 -6.08 1.35
CA LEU A 102 21.44 -6.45 0.61
C LEU A 102 21.30 -6.29 -0.89
N VAL A 103 20.14 -5.80 -1.28
CA VAL A 103 19.91 -5.65 -2.77
C VAL A 103 19.91 -4.17 -3.10
N SER A 104 20.17 -3.84 -4.37
CA SER A 104 20.03 -2.46 -4.84
C SER A 104 19.65 -2.43 -6.32
N ASP A 105 20.01 -3.47 -7.00
CA ASP A 105 19.83 -3.68 -8.44
C ASP A 105 18.40 -3.79 -8.93
N VAL A 106 17.44 -3.78 -8.01
CA VAL A 106 16.09 -4.22 -8.21
C VAL A 106 14.91 -3.37 -8.51
N GLU A 107 14.10 -3.90 -9.46
CA GLU A 107 12.82 -3.25 -9.84
C GLU A 107 11.68 -3.85 -9.05
N ARG A 108 11.31 -5.08 -9.30
CA ARG A 108 10.20 -5.75 -8.59
C ARG A 108 10.69 -6.99 -7.85
N VAL A 109 9.94 -7.32 -6.82
CA VAL A 109 10.23 -8.41 -5.89
C VAL A 109 9.06 -9.38 -5.84
N PHE A 110 9.34 -10.68 -6.05
CA PHE A 110 8.28 -11.69 -6.10
C PHE A 110 8.56 -12.85 -5.14
N ILE A 111 7.53 -13.19 -4.42
CA ILE A 111 7.59 -14.38 -3.52
C ILE A 111 7.11 -15.54 -4.41
N ILE A 112 7.97 -16.54 -4.61
CA ILE A 112 7.62 -17.65 -5.49
C ILE A 112 7.42 -18.97 -4.79
N GLY A 113 7.33 -18.96 -3.44
CA GLY A 113 7.01 -20.23 -2.74
C GLY A 113 8.09 -20.56 -1.70
N GLY A 114 7.87 -21.63 -0.99
CA GLY A 114 6.80 -22.62 -1.04
C GLY A 114 5.57 -22.28 -0.20
N ALA A 115 4.87 -23.34 0.18
CA ALA A 115 3.60 -23.22 0.94
C ALA A 115 3.81 -22.52 2.28
N GLU A 116 4.82 -22.93 3.05
CA GLU A 116 5.02 -22.26 4.34
C GLU A 116 5.33 -20.81 4.16
N ILE A 117 6.22 -20.53 3.19
CA ILE A 117 6.57 -19.11 2.89
C ILE A 117 5.32 -18.32 2.48
N TYR A 118 4.49 -18.91 1.67
CA TYR A 118 3.26 -18.29 1.20
C TYR A 118 2.30 -17.93 2.39
N ASN A 119 2.05 -18.94 3.15
CA ASN A 119 1.09 -18.80 4.29
C ASN A 119 1.60 -17.82 5.33
N GLU A 120 2.91 -17.75 5.56
CA GLU A 120 3.52 -16.81 6.49
C GLU A 120 3.57 -15.38 5.97
N LEU A 121 4.07 -15.23 4.75
CA LEU A 121 4.28 -13.89 4.14
C LEU A 121 3.08 -13.14 3.75
N ILE A 122 1.97 -13.89 3.58
CA ILE A 122 0.70 -13.30 3.24
C ILE A 122 0.31 -12.23 4.24
N ASN A 123 0.75 -12.45 5.54
CA ASN A 123 0.31 -11.41 6.51
C ASN A 123 1.38 -10.38 6.82
N ASN A 124 2.27 -10.18 5.90
CA ASN A 124 3.34 -9.17 6.05
C ASN A 124 2.87 -7.99 5.17
N SER A 125 2.80 -6.81 5.81
CA SER A 125 2.31 -5.63 5.10
C SER A 125 3.15 -5.18 3.95
N LEU A 126 4.37 -5.74 3.75
CA LEU A 126 5.14 -5.39 2.53
C LEU A 126 4.45 -6.00 1.30
N VAL A 127 3.70 -7.05 1.46
CA VAL A 127 2.99 -7.71 0.34
C VAL A 127 1.80 -6.83 -0.07
N SER A 128 1.85 -6.34 -1.31
CA SER A 128 0.80 -5.46 -1.80
C SER A 128 0.01 -6.08 -2.95
N HIS A 129 0.60 -7.08 -3.58
CA HIS A 129 -0.03 -7.68 -4.76
C HIS A 129 0.04 -9.20 -4.76
N LEU A 130 -1.06 -9.82 -5.24
CA LEU A 130 -1.12 -11.22 -5.43
C LEU A 130 -1.41 -11.50 -6.92
N LEU A 131 -0.58 -12.32 -7.48
CA LEU A 131 -0.84 -12.79 -8.88
C LEU A 131 -1.17 -14.28 -8.69
N ILE A 132 -2.45 -14.64 -8.80
CA ILE A 132 -2.84 -16.00 -8.57
C ILE A 132 -3.33 -16.57 -9.95
N THR A 133 -2.74 -17.69 -10.27
CA THR A 133 -3.32 -18.46 -11.45
C THR A 133 -4.42 -19.34 -10.84
N GLU A 134 -5.66 -19.03 -11.22
CA GLU A 134 -6.82 -19.72 -10.69
C GLU A 134 -7.13 -20.87 -11.65
N ILE A 135 -6.92 -22.05 -11.09
CA ILE A 135 -7.09 -23.26 -11.96
C ILE A 135 -8.46 -23.90 -11.56
N GLU A 136 -9.02 -24.44 -12.63
CA GLU A 136 -10.34 -25.15 -12.42
C GLU A 136 -10.27 -26.49 -13.07
N HIS A 137 -11.16 -27.37 -12.58
CA HIS A 137 -11.18 -28.80 -13.08
C HIS A 137 -12.58 -29.30 -12.82
N PRO A 138 -13.06 -30.20 -13.66
CA PRO A 138 -14.46 -30.69 -13.51
C PRO A 138 -14.65 -31.40 -12.20
N SER A 139 -13.68 -32.21 -11.83
CA SER A 139 -13.65 -33.01 -10.62
C SER A 139 -12.56 -32.68 -9.63
N PRO A 140 -12.77 -31.56 -8.92
CA PRO A 140 -11.83 -31.14 -7.85
C PRO A 140 -12.16 -31.97 -6.61
N GLU A 141 -11.76 -33.21 -6.64
CA GLU A 141 -11.91 -34.24 -5.62
C GLU A 141 -11.79 -35.57 -6.41
N SER A 142 -10.62 -35.70 -6.92
CA SER A 142 -10.02 -36.74 -7.73
C SER A 142 -8.53 -36.37 -7.90
N ILE A 143 -8.25 -35.14 -7.50
CA ILE A 143 -6.92 -34.57 -7.48
C ILE A 143 -6.53 -34.40 -5.99
N GLU A 144 -5.85 -35.49 -5.63
CA GLU A 144 -5.39 -35.62 -4.24
C GLU A 144 -4.31 -34.59 -3.98
N MET A 145 -4.57 -33.91 -2.86
CA MET A 145 -3.66 -32.89 -2.38
C MET A 145 -3.60 -32.74 -0.86
N ASP A 146 -2.36 -32.39 -0.51
CA ASP A 146 -2.02 -32.26 0.91
C ASP A 146 -1.70 -30.87 1.34
N THR A 147 -1.47 -29.96 0.40
CA THR A 147 -1.03 -28.58 0.67
C THR A 147 -1.94 -27.51 0.13
N PHE A 148 -2.25 -26.55 1.01
CA PHE A 148 -3.23 -25.50 0.67
C PHE A 148 -2.82 -24.11 1.09
N LEU A 149 -3.37 -23.13 0.40
CA LEU A 149 -3.13 -21.74 0.75
C LEU A 149 -4.10 -21.40 1.90
N LYS A 150 -3.61 -20.67 2.83
CA LYS A 150 -4.44 -20.13 3.92
C LYS A 150 -4.38 -18.62 3.76
N PHE A 151 -5.06 -18.16 2.69
CA PHE A 151 -5.13 -16.76 2.36
C PHE A 151 -6.48 -16.10 2.76
N PRO A 152 -6.32 -15.04 3.51
CA PRO A 152 -7.50 -14.25 4.00
C PRO A 152 -8.03 -13.35 2.90
N LEU A 153 -8.65 -13.92 1.88
CA LEU A 153 -9.07 -13.26 0.66
C LEU A 153 -10.19 -12.26 0.82
N GLU A 154 -10.84 -12.29 1.99
CA GLU A 154 -11.93 -11.30 2.26
C GLU A 154 -11.40 -9.94 2.48
N SER A 155 -10.10 -9.87 2.73
CA SER A 155 -9.33 -8.67 2.88
C SER A 155 -8.71 -8.13 1.60
N TRP A 156 -8.83 -8.89 0.53
CA TRP A 156 -8.30 -8.61 -0.79
C TRP A 156 -9.32 -8.34 -1.87
N THR A 157 -8.98 -7.55 -2.83
CA THR A 157 -9.85 -7.24 -3.99
C THR A 157 -9.28 -7.79 -5.28
N LYS A 158 -10.08 -8.65 -5.94
CA LYS A 158 -9.73 -9.14 -7.24
C LYS A 158 -9.89 -8.00 -8.27
N GLN A 159 -8.82 -7.64 -8.94
CA GLN A 159 -8.88 -6.57 -9.94
C GLN A 159 -9.38 -7.01 -11.30
N PRO A 160 -9.78 -5.99 -12.10
CA PRO A 160 -10.25 -6.24 -13.48
C PRO A 160 -9.07 -6.65 -14.38
N LYS A 161 -9.32 -7.36 -15.48
CA LYS A 161 -8.19 -7.77 -16.34
C LYS A 161 -7.33 -6.59 -16.76
N SER A 162 -7.94 -5.42 -17.03
CA SER A 162 -7.21 -4.23 -17.45
C SER A 162 -6.11 -3.90 -16.46
N GLU A 163 -6.32 -4.17 -15.18
CA GLU A 163 -5.29 -3.82 -14.17
C GLU A 163 -4.14 -4.81 -14.15
N LEU A 164 -4.41 -6.06 -14.49
CA LEU A 164 -3.40 -7.08 -14.60
C LEU A 164 -2.52 -6.76 -15.83
N GLN A 165 -3.24 -6.45 -16.93
CA GLN A 165 -2.46 -6.12 -18.17
C GLN A 165 -1.49 -5.04 -17.92
N LYS A 166 -1.89 -4.03 -17.19
CA LYS A 166 -1.11 -2.88 -16.78
C LYS A 166 0.05 -3.35 -15.88
N PHE A 167 -0.14 -4.28 -14.99
CA PHE A 167 0.95 -4.79 -14.15
C PHE A 167 2.01 -5.53 -14.96
N VAL A 168 1.59 -6.38 -15.88
CA VAL A 168 2.48 -7.26 -16.61
C VAL A 168 3.03 -6.56 -17.86
N GLY A 169 2.41 -5.46 -18.25
CA GLY A 169 2.82 -4.71 -19.43
C GLY A 169 2.63 -5.54 -20.69
N ASP A 170 3.72 -5.86 -21.36
CA ASP A 170 3.80 -6.63 -22.56
C ASP A 170 3.31 -8.05 -22.70
N THR A 171 3.34 -8.85 -21.70
CA THR A 171 2.91 -10.22 -21.67
C THR A 171 1.47 -10.33 -22.23
N VAL A 172 1.34 -11.36 -23.05
CA VAL A 172 0.08 -11.77 -23.70
C VAL A 172 -0.67 -12.56 -22.62
N LEU A 173 -1.92 -12.17 -22.46
CA LEU A 173 -2.74 -12.82 -21.44
C LEU A 173 -3.93 -13.47 -22.17
N GLU A 174 -3.78 -14.77 -22.30
CA GLU A 174 -4.94 -15.48 -22.90
C GLU A 174 -5.87 -15.78 -21.72
N ASP A 175 -7.13 -15.96 -22.06
CA ASP A 175 -8.22 -16.26 -21.15
C ASP A 175 -8.63 -17.73 -21.30
N ASP A 176 -9.08 -18.33 -20.22
CA ASP A 176 -9.56 -19.70 -20.19
C ASP A 176 -8.66 -20.69 -20.89
N ILE A 177 -7.42 -20.70 -20.41
CA ILE A 177 -6.38 -21.56 -20.92
C ILE A 177 -6.72 -22.99 -20.51
N LYS A 178 -6.86 -23.80 -21.60
CA LYS A 178 -7.18 -25.23 -21.30
C LYS A 178 -5.98 -26.08 -21.59
N GLU A 179 -5.63 -26.92 -20.65
CA GLU A 179 -4.60 -27.92 -20.64
C GLU A 179 -5.03 -29.20 -19.94
N GLY A 180 -5.36 -30.17 -20.81
CA GLY A 180 -5.87 -31.47 -20.29
C GLY A 180 -7.28 -31.12 -19.77
N ASP A 181 -7.55 -31.54 -18.55
CA ASP A 181 -8.83 -31.22 -17.93
C ASP A 181 -8.83 -29.90 -17.20
N PHE A 182 -7.70 -29.23 -17.13
CA PHE A 182 -7.62 -27.94 -16.41
C PHE A 182 -7.90 -26.75 -17.30
N THR A 183 -8.55 -25.75 -16.73
CA THR A 183 -8.88 -24.48 -17.27
C THR A 183 -8.39 -23.43 -16.24
N TYR A 184 -7.54 -22.53 -16.76
CA TYR A 184 -7.02 -21.50 -15.81
C TYR A 184 -7.05 -20.10 -16.34
N ASN A 185 -7.02 -19.13 -15.39
CA ASN A 185 -6.94 -17.69 -15.76
C ASN A 185 -5.95 -16.98 -14.80
N TYR A 186 -5.39 -15.91 -15.33
CA TYR A 186 -4.42 -15.14 -14.51
C TYR A 186 -5.24 -14.04 -13.82
N THR A 187 -4.84 -13.74 -12.60
CA THR A 187 -5.60 -12.70 -11.86
C THR A 187 -4.61 -11.87 -11.02
N LEU A 188 -5.05 -10.67 -10.67
CA LEU A 188 -4.33 -9.76 -9.77
C LEU A 188 -5.34 -9.39 -8.62
N TRP A 189 -4.73 -9.25 -7.46
CA TRP A 189 -5.57 -8.88 -6.23
C TRP A 189 -4.71 -7.84 -5.50
N THR A 190 -5.37 -6.89 -4.90
CA THR A 190 -4.79 -5.84 -4.09
C THR A 190 -5.53 -5.74 -2.75
N ARG A 191 -4.91 -5.18 -1.75
CA ARG A 191 -5.49 -5.05 -0.41
C ARG A 191 -6.63 -4.01 -0.41
N LYS A 192 -7.66 -4.38 0.32
CA LYS A 192 -8.76 -3.38 0.51
C LYS A 192 -8.29 -2.33 1.52
N MET B 1 -2.55 -9.18 11.98
CA MET B 1 -1.72 -8.18 11.18
C MET B 1 -1.88 -6.83 11.90
N LEU B 2 -0.76 -6.24 12.32
CA LEU B 2 -0.93 -4.89 12.96
C LEU B 2 -1.15 -3.87 11.86
N LYS B 3 -1.96 -2.86 12.15
CA LYS B 3 -2.21 -1.79 11.15
C LYS B 3 -2.05 -0.42 11.86
N PRO B 4 -1.63 0.57 11.14
CA PRO B 4 -1.50 1.94 11.65
C PRO B 4 -2.89 2.59 11.77
N ASN B 5 -2.95 3.57 12.63
CA ASN B 5 -4.21 4.32 12.89
C ASN B 5 -4.16 5.62 12.07
N VAL B 6 -4.98 5.56 11.01
CA VAL B 6 -4.95 6.64 10.01
C VAL B 6 -6.25 7.40 9.84
N ALA B 7 -6.04 8.69 9.68
CA ALA B 7 -7.12 9.66 9.43
C ALA B 7 -6.77 10.64 8.36
N ILE B 8 -7.76 11.14 7.65
CA ILE B 8 -7.61 12.19 6.66
C ILE B 8 -7.99 13.49 7.51
N ILE B 9 -7.26 14.54 7.28
CA ILE B 9 -7.60 15.86 7.90
C ILE B 9 -7.67 16.83 6.73
N VAL B 10 -8.80 17.61 6.65
CA VAL B 10 -8.93 18.54 5.50
C VAL B 10 -9.88 19.69 5.82
N ALA B 11 -9.76 20.77 5.09
CA ALA B 11 -10.71 21.94 5.28
C ALA B 11 -11.42 22.10 3.93
N ALA B 12 -12.73 22.18 3.82
CA ALA B 12 -13.43 22.30 2.55
C ALA B 12 -14.60 23.33 2.66
N LEU B 13 -14.81 23.98 1.54
CA LEU B 13 -15.92 24.93 1.41
C LEU B 13 -17.12 24.21 0.85
N LYS B 14 -18.20 24.25 1.62
CA LYS B 14 -19.46 23.68 1.20
C LYS B 14 -20.24 24.62 0.27
N PRO B 15 -21.08 24.04 -0.59
CA PRO B 15 -21.46 22.66 -0.70
C PRO B 15 -20.65 21.76 -1.59
N ALA B 16 -19.85 22.37 -2.46
CA ALA B 16 -19.09 21.64 -3.48
C ALA B 16 -17.91 20.91 -2.92
N LEU B 17 -17.43 21.32 -1.75
CA LEU B 17 -16.28 20.67 -1.11
C LEU B 17 -15.01 21.06 -1.86
N GLY B 18 -14.89 22.36 -2.06
CA GLY B 18 -13.73 22.93 -2.75
C GLY B 18 -12.56 22.96 -1.74
N ILE B 19 -11.40 22.63 -2.24
CA ILE B 19 -10.17 22.56 -1.41
C ILE B 19 -9.04 23.46 -1.81
N GLY B 20 -9.07 23.96 -3.06
CA GLY B 20 -7.90 24.82 -3.40
C GLY B 20 -8.15 25.51 -4.73
N TYR B 21 -7.31 26.49 -4.97
CA TYR B 21 -7.33 27.21 -6.28
C TYR B 21 -5.86 27.42 -6.61
N LYS B 22 -5.48 27.01 -7.80
CA LYS B 22 -4.07 27.07 -8.21
C LYS B 22 -3.35 26.07 -7.35
N GLY B 23 -2.51 26.47 -6.42
CA GLY B 23 -1.82 25.47 -5.58
C GLY B 23 -1.82 25.91 -4.14
N LYS B 24 -2.86 26.66 -3.80
CA LYS B 24 -3.00 27.20 -2.43
C LYS B 24 -4.47 27.12 -2.01
N MET B 25 -4.64 27.42 -0.72
CA MET B 25 -5.99 27.40 -0.14
C MET B 25 -6.57 28.80 -0.35
N PRO B 26 -7.84 28.80 -0.74
CA PRO B 26 -8.55 30.02 -1.06
C PRO B 26 -8.87 30.88 0.14
N TRP B 27 -8.42 30.53 1.32
CA TRP B 27 -8.69 31.26 2.60
C TRP B 27 -7.48 31.23 3.50
N ARG B 28 -7.46 32.08 4.51
CA ARG B 28 -6.41 32.06 5.57
C ARG B 28 -7.23 32.20 6.89
N LEU B 29 -7.45 31.07 7.51
CA LEU B 29 -8.29 30.96 8.73
C LEU B 29 -7.38 30.65 9.92
N ARG B 30 -7.29 31.71 10.70
CA ARG B 30 -6.41 31.77 11.84
C ARG B 30 -6.55 30.64 12.80
N LYS B 31 -7.75 30.42 13.34
CA LYS B 31 -8.02 29.38 14.31
C LYS B 31 -7.85 27.94 13.78
N GLU B 32 -8.30 27.71 12.60
CA GLU B 32 -8.20 26.49 11.81
C GLU B 32 -6.71 26.14 11.67
N ILE B 33 -5.87 27.10 11.46
CA ILE B 33 -4.38 26.77 11.40
C ILE B 33 -3.90 26.21 12.71
N ARG B 34 -4.33 26.89 13.80
CA ARG B 34 -4.01 26.41 15.13
C ARG B 34 -4.58 25.03 15.45
N TYR B 35 -5.79 24.72 15.05
CA TYR B 35 -6.45 23.46 15.33
C TYR B 35 -5.56 22.36 14.61
N PHE B 36 -5.26 22.72 13.39
CA PHE B 36 -4.50 21.80 12.51
C PHE B 36 -3.21 21.37 13.22
N LYS B 37 -2.50 22.38 13.71
CA LYS B 37 -1.24 22.16 14.43
C LYS B 37 -1.46 21.24 15.66
N ASP B 38 -2.32 21.69 16.54
CA ASP B 38 -2.66 20.87 17.73
C ASP B 38 -3.09 19.45 17.43
N VAL B 39 -4.05 19.25 16.59
CA VAL B 39 -4.59 17.92 16.28
C VAL B 39 -3.49 17.01 15.72
N THR B 40 -2.78 17.62 14.74
CA THR B 40 -1.72 16.75 14.12
C THR B 40 -0.54 16.54 15.02
N THR B 41 -0.36 17.38 16.03
CA THR B 41 0.85 17.23 16.90
C THR B 41 0.59 16.49 18.16
N ARG B 42 -0.65 16.59 18.65
CA ARG B 42 -1.00 15.89 19.93
C ARG B 42 -0.87 14.40 19.94
N THR B 43 -0.34 13.88 21.10
CA THR B 43 -0.19 12.50 21.41
C THR B 43 -0.71 12.17 22.81
N THR B 44 -0.95 10.92 23.08
CA THR B 44 -1.46 10.46 24.36
C THR B 44 -0.38 10.46 25.45
N LYS B 45 0.87 10.46 25.09
CA LYS B 45 2.01 10.43 26.01
C LYS B 45 3.18 11.22 25.50
N PRO B 46 4.01 11.68 26.45
CA PRO B 46 5.18 12.50 26.08
C PRO B 46 6.21 11.59 25.41
N ASN B 47 7.08 12.17 24.69
CA ASN B 47 8.20 11.51 24.01
C ASN B 47 7.70 10.59 22.86
N THR B 48 6.52 10.93 22.37
CA THR B 48 5.95 10.22 21.19
C THR B 48 5.53 11.25 20.15
N ARG B 49 5.27 10.70 18.91
CA ARG B 49 4.85 11.66 17.86
C ARG B 49 3.95 10.99 16.78
N ASN B 50 3.42 11.87 15.98
CA ASN B 50 2.55 11.40 14.88
C ASN B 50 3.31 11.64 13.57
N ALA B 51 2.72 11.07 12.53
CA ALA B 51 3.29 11.34 11.17
C ALA B 51 2.21 12.06 10.36
N VAL B 52 2.70 12.81 9.40
CA VAL B 52 1.88 13.44 8.37
C VAL B 52 2.42 12.93 7.01
N ILE B 53 1.50 12.61 6.15
CA ILE B 53 1.74 12.12 4.79
C ILE B 53 1.12 13.16 3.83
N MET B 54 1.97 13.60 2.90
CA MET B 54 1.50 14.56 1.88
C MET B 54 2.12 14.24 0.49
N GLY B 55 1.52 14.86 -0.45
CA GLY B 55 1.93 14.84 -1.86
C GLY B 55 3.02 15.88 -2.04
N ARG B 56 3.86 15.60 -3.05
CA ARG B 56 5.00 16.51 -3.34
C ARG B 56 4.54 17.95 -3.51
N LYS B 57 3.40 18.13 -4.19
CA LYS B 57 2.96 19.53 -4.46
C LYS B 57 2.66 20.27 -3.17
N THR B 58 2.10 19.54 -2.18
CA THR B 58 1.77 20.17 -0.89
C THR B 58 3.07 20.47 -0.13
N TRP B 59 4.02 19.55 -0.17
CA TRP B 59 5.34 19.79 0.49
C TRP B 59 5.98 21.09 -0.09
N GLU B 60 5.93 21.18 -1.40
CA GLU B 60 6.50 22.33 -2.09
C GLU B 60 5.85 23.64 -1.85
N SER B 61 4.56 23.68 -1.54
CA SER B 61 3.78 24.85 -1.25
C SER B 61 4.11 25.42 0.14
N ILE B 62 4.90 24.67 0.90
CA ILE B 62 5.32 25.09 2.24
C ILE B 62 6.66 25.83 2.03
N PRO B 63 6.72 27.05 2.49
CA PRO B 63 7.98 27.83 2.42
C PRO B 63 9.07 27.06 3.17
N GLN B 64 10.20 26.91 2.52
CA GLN B 64 11.42 26.23 2.88
C GLN B 64 11.85 26.26 4.33
N LYS B 65 11.75 27.39 5.00
CA LYS B 65 12.10 27.65 6.37
C LYS B 65 11.09 27.10 7.35
N PHE B 66 9.91 26.80 6.82
CA PHE B 66 8.81 26.23 7.61
C PHE B 66 8.61 24.75 7.43
N ARG B 67 9.54 24.14 6.74
CA ARG B 67 9.48 22.64 6.55
C ARG B 67 10.73 22.06 7.17
N PRO B 68 10.67 20.84 7.69
CA PRO B 68 9.47 20.00 7.76
C PRO B 68 8.55 20.61 8.88
N LEU B 69 7.32 20.22 8.82
CA LEU B 69 6.33 20.58 9.87
C LEU B 69 6.92 20.07 11.17
N PRO B 70 7.10 20.93 12.13
CA PRO B 70 7.81 20.52 13.38
C PRO B 70 7.05 19.50 14.25
N ASP B 71 7.76 18.77 15.08
CA ASP B 71 7.19 17.84 16.07
C ASP B 71 6.40 16.68 15.50
N ARG B 72 6.49 16.45 14.19
CA ARG B 72 5.82 15.29 13.53
C ARG B 72 6.78 14.72 12.44
N LEU B 73 6.66 13.40 12.20
CA LEU B 73 7.44 12.79 11.09
C LEU B 73 6.75 13.23 9.78
N ASN B 74 7.51 13.82 8.85
CA ASN B 74 6.89 14.19 7.56
C ASN B 74 7.28 13.13 6.48
N ILE B 75 6.27 12.74 5.75
CA ILE B 75 6.42 11.68 4.69
C ILE B 75 5.92 12.35 3.40
N ILE B 76 6.75 12.37 2.42
CA ILE B 76 6.42 13.02 1.15
C ILE B 76 6.37 12.07 -0.02
N LEU B 77 5.28 12.08 -0.79
CA LEU B 77 5.14 11.15 -1.93
C LEU B 77 5.40 11.77 -3.30
N SER B 78 6.22 11.06 -4.06
CA SER B 78 6.49 11.42 -5.48
C SER B 78 6.78 10.06 -6.19
N ARG B 79 6.22 9.96 -7.38
CA ARG B 79 6.42 8.76 -8.21
C ARG B 79 7.86 8.78 -8.74
N SER B 80 8.68 9.76 -8.47
CA SER B 80 10.08 9.88 -8.86
C SER B 80 11.11 9.58 -7.76
N TYR B 81 10.53 9.47 -6.56
CA TYR B 81 11.37 9.17 -5.40
C TYR B 81 11.65 7.70 -5.31
N GLU B 82 12.75 7.47 -4.61
CA GLU B 82 13.12 6.15 -4.12
C GLU B 82 12.79 6.18 -2.63
N ASN B 83 12.34 5.11 -2.05
CA ASN B 83 12.06 5.12 -0.56
C ASN B 83 13.42 5.48 0.10
N GLU B 84 13.35 6.49 0.91
CA GLU B 84 14.59 6.94 1.61
C GLU B 84 14.32 7.78 2.82
N ILE B 85 14.96 7.49 3.91
CA ILE B 85 14.88 8.25 5.15
C ILE B 85 16.03 9.29 5.02
N ILE B 86 15.61 10.53 4.88
CA ILE B 86 16.52 11.65 4.78
C ILE B 86 17.13 11.98 6.14
N ASP B 87 16.26 12.19 7.10
CA ASP B 87 16.70 12.48 8.53
C ASP B 87 15.60 11.94 9.44
N ASP B 88 15.69 12.19 10.74
CA ASP B 88 14.62 11.70 11.65
C ASP B 88 13.23 12.29 11.38
N ASN B 89 13.13 13.40 10.76
CA ASN B 89 11.88 14.13 10.47
C ASN B 89 11.35 14.10 9.07
N ILE B 90 12.15 13.64 8.10
CA ILE B 90 11.75 13.58 6.71
C ILE B 90 12.05 12.23 6.05
N ILE B 91 10.97 11.72 5.38
CA ILE B 91 11.13 10.46 4.65
C ILE B 91 10.55 10.69 3.23
N HIS B 92 11.20 10.08 2.22
CA HIS B 92 10.63 10.08 0.85
C HIS B 92 10.06 8.73 0.54
N ALA B 93 8.87 8.61 -0.07
CA ALA B 93 8.19 7.34 -0.25
C ALA B 93 7.74 7.35 -1.73
N SER B 94 7.81 6.18 -2.34
CA SER B 94 7.52 6.18 -3.81
C SER B 94 6.17 5.70 -4.20
N SER B 95 5.33 5.38 -3.21
CA SER B 95 3.96 4.88 -3.46
C SER B 95 3.22 4.97 -2.16
N ILE B 96 1.88 4.99 -2.26
CA ILE B 96 1.13 5.02 -0.98
C ILE B 96 1.43 3.79 -0.12
N GLU B 97 1.51 2.59 -0.68
CA GLU B 97 1.70 1.35 0.05
C GLU B 97 2.97 1.36 0.89
N SER B 98 4.00 2.04 0.30
CA SER B 98 5.26 2.19 1.04
C SER B 98 5.19 3.18 2.19
N SER B 99 4.45 4.23 1.96
CA SER B 99 4.20 5.32 2.94
C SER B 99 3.62 4.71 4.23
N LEU B 100 2.67 3.79 4.08
CA LEU B 100 2.00 3.15 5.18
C LEU B 100 2.82 2.10 5.84
N ASN B 101 3.99 1.80 5.28
CA ASN B 101 4.95 0.84 5.79
C ASN B 101 6.15 1.58 6.43
N LEU B 102 6.08 2.90 6.47
CA LEU B 102 7.12 3.74 7.05
C LEU B 102 6.65 4.57 8.27
N VAL B 103 5.68 4.05 8.96
CA VAL B 103 5.08 4.66 10.14
C VAL B 103 5.08 3.84 11.42
N SER B 104 6.07 2.97 11.60
CA SER B 104 6.25 2.06 12.68
C SER B 104 6.56 2.67 14.05
N ASP B 105 7.10 3.85 14.02
CA ASP B 105 7.49 4.59 15.19
C ASP B 105 6.48 5.65 15.60
N VAL B 106 5.30 5.72 15.00
CA VAL B 106 4.41 6.86 15.46
C VAL B 106 3.14 6.32 16.08
N GLU B 107 2.41 7.23 16.69
CA GLU B 107 1.14 6.90 17.37
C GLU B 107 -0.01 6.93 16.32
N ARG B 108 -0.27 8.06 15.71
CA ARG B 108 -1.32 8.23 14.73
C ARG B 108 -0.69 8.79 13.41
N VAL B 109 -1.41 8.48 12.36
CA VAL B 109 -0.98 8.92 11.00
C VAL B 109 -1.98 9.86 10.39
N PHE B 110 -1.63 11.04 9.92
CA PHE B 110 -2.58 11.97 9.30
C PHE B 110 -2.24 12.21 7.83
N ILE B 111 -3.19 11.95 6.94
CA ILE B 111 -3.05 12.29 5.51
C ILE B 111 -3.41 13.78 5.36
N ILE B 112 -2.47 14.64 5.03
CA ILE B 112 -2.72 16.06 5.02
C ILE B 112 -2.81 16.70 3.67
N GLY B 113 -3.01 15.83 2.66
CA GLY B 113 -3.27 16.41 1.30
C GLY B 113 -2.18 16.31 0.28
N GLY B 114 -2.36 16.87 -0.90
CA GLY B 114 -3.48 17.56 -1.46
C GLY B 114 -4.50 16.64 -2.12
N ALA B 115 -5.18 17.22 -3.10
CA ALA B 115 -6.31 16.62 -3.82
C ALA B 115 -6.11 15.18 -4.25
N GLU B 116 -5.04 15.02 -5.01
CA GLU B 116 -4.77 13.67 -5.57
C GLU B 116 -4.52 12.66 -4.49
N ILE B 117 -3.82 13.08 -3.45
CA ILE B 117 -3.53 12.16 -2.32
C ILE B 117 -4.86 11.77 -1.60
N TYR B 118 -5.63 12.80 -1.32
CA TYR B 118 -6.92 12.59 -0.62
C TYR B 118 -7.81 11.59 -1.38
N ASN B 119 -7.90 11.83 -2.66
CA ASN B 119 -8.68 11.02 -3.57
C ASN B 119 -8.21 9.61 -3.70
N GLU B 120 -6.93 9.30 -3.55
CA GLU B 120 -6.30 8.06 -3.59
C GLU B 120 -6.52 7.26 -2.28
N LEU B 121 -6.58 7.95 -1.18
CA LEU B 121 -6.71 7.34 0.14
C LEU B 121 -8.06 7.14 0.66
N ILE B 122 -9.03 7.91 0.24
CA ILE B 122 -10.37 7.79 0.88
C ILE B 122 -11.02 6.42 0.80
N ASN B 123 -10.59 5.63 -0.12
CA ASN B 123 -11.15 4.25 -0.30
C ASN B 123 -10.24 3.18 0.26
N ASN B 124 -9.15 3.53 0.87
CA ASN B 124 -8.25 2.59 1.58
C ASN B 124 -8.88 2.23 2.92
N SER B 125 -8.96 0.99 3.26
CA SER B 125 -9.54 0.45 4.47
C SER B 125 -8.82 0.91 5.71
N LEU B 126 -7.50 1.33 5.52
CA LEU B 126 -6.79 1.79 6.69
C LEU B 126 -7.33 3.11 7.23
N VAL B 127 -7.92 3.88 6.35
CA VAL B 127 -8.44 5.22 6.77
C VAL B 127 -9.73 5.03 7.54
N SER B 128 -9.66 5.25 8.88
CA SER B 128 -10.90 5.03 9.65
C SER B 128 -11.55 6.32 10.18
N HIS B 129 -10.94 7.46 10.00
CA HIS B 129 -11.60 8.75 10.43
C HIS B 129 -11.42 9.83 9.37
N LEU B 130 -12.33 10.75 9.13
CA LEU B 130 -12.23 11.91 8.31
C LEU B 130 -12.39 13.08 9.34
N LEU B 131 -11.44 13.95 9.22
CA LEU B 131 -11.53 15.15 10.11
C LEU B 131 -11.78 16.32 9.18
N ILE B 132 -13.07 16.70 9.04
CA ILE B 132 -13.35 17.78 8.07
C ILE B 132 -13.70 19.11 8.69
N THR B 133 -13.01 20.12 8.25
CA THR B 133 -13.38 21.51 8.75
C THR B 133 -14.32 21.97 7.64
N GLU B 134 -15.65 22.00 8.01
CA GLU B 134 -16.68 22.40 7.03
C GLU B 134 -16.85 23.92 7.11
N ILE B 135 -16.52 24.55 6.01
CA ILE B 135 -16.52 25.98 5.82
C ILE B 135 -17.75 26.46 5.13
N GLU B 136 -18.27 27.59 5.64
CA GLU B 136 -19.46 28.18 4.91
C GLU B 136 -19.17 29.66 4.71
N HIS B 137 -19.88 30.20 3.70
CA HIS B 137 -19.70 31.59 3.24
C HIS B 137 -21.02 31.98 2.52
N PRO B 138 -21.34 33.25 2.66
CA PRO B 138 -22.62 33.74 2.09
C PRO B 138 -22.72 33.47 0.61
N SER B 139 -21.69 33.64 -0.15
CA SER B 139 -21.62 33.43 -1.60
C SER B 139 -20.42 32.64 -2.05
N PRO B 140 -20.51 31.31 -1.89
CA PRO B 140 -19.44 30.38 -2.18
C PRO B 140 -18.89 30.48 -3.58
N GLU B 141 -19.82 30.73 -4.50
CA GLU B 141 -19.57 30.93 -5.93
C GLU B 141 -18.67 32.10 -6.21
N SER B 142 -18.51 32.96 -5.23
CA SER B 142 -17.61 34.14 -5.37
C SER B 142 -16.16 33.71 -5.10
N ILE B 143 -16.03 32.58 -4.46
CA ILE B 143 -14.75 31.99 -4.09
C ILE B 143 -14.28 31.10 -5.27
N GLU B 144 -13.13 31.53 -5.78
CA GLU B 144 -12.56 30.79 -6.90
C GLU B 144 -11.82 29.53 -6.58
N MET B 145 -12.12 28.46 -7.34
CA MET B 145 -11.43 27.19 -7.16
C MET B 145 -11.48 26.15 -8.25
N ASP B 146 -10.44 25.31 -8.22
CA ASP B 146 -10.22 24.25 -9.22
C ASP B 146 -9.95 22.86 -8.67
N THR B 147 -10.00 22.70 -7.37
CA THR B 147 -9.60 21.43 -6.69
C THR B 147 -10.72 21.07 -5.72
N PHE B 148 -11.24 19.86 -5.84
CA PHE B 148 -12.35 19.36 -5.04
C PHE B 148 -12.07 17.96 -4.48
N LEU B 149 -12.75 17.69 -3.39
CA LEU B 149 -12.74 16.37 -2.76
C LEU B 149 -13.81 15.56 -3.52
N LYS B 150 -13.47 14.31 -3.74
CA LYS B 150 -14.43 13.40 -4.43
C LYS B 150 -14.59 12.24 -3.42
N PHE B 151 -15.27 12.60 -2.34
CA PHE B 151 -15.55 11.66 -1.27
C PHE B 151 -17.02 11.18 -1.29
N PRO B 152 -17.18 9.92 -1.04
CA PRO B 152 -18.54 9.28 -0.97
C PRO B 152 -19.10 9.47 0.41
N LEU B 153 -19.46 10.75 0.74
CA LEU B 153 -19.90 11.05 2.09
C LEU B 153 -21.10 10.23 2.51
N GLU B 154 -21.85 9.68 1.57
CA GLU B 154 -22.98 8.82 1.91
C GLU B 154 -22.60 7.52 2.59
N SER B 155 -21.36 7.12 2.47
CA SER B 155 -20.83 5.92 3.09
C SER B 155 -20.02 6.22 4.36
N TRP B 156 -20.14 7.42 4.85
CA TRP B 156 -19.50 7.90 6.09
C TRP B 156 -20.60 8.44 6.99
N THR B 157 -20.40 8.46 8.27
CA THR B 157 -21.40 8.97 9.20
C THR B 157 -20.71 10.12 9.95
N LYS B 158 -21.35 11.26 9.91
CA LYS B 158 -20.77 12.36 10.78
C LYS B 158 -21.06 12.04 12.22
N GLN B 159 -20.10 11.99 13.10
CA GLN B 159 -20.29 11.70 14.52
C GLN B 159 -20.66 12.96 15.30
N PRO B 160 -21.22 12.73 16.48
CA PRO B 160 -21.59 13.85 17.40
C PRO B 160 -20.30 14.52 17.87
N LYS B 161 -20.37 15.78 18.22
CA LYS B 161 -19.29 16.60 18.73
C LYS B 161 -18.53 15.85 19.85
N SER B 162 -19.29 15.16 20.68
CA SER B 162 -18.65 14.41 21.77
C SER B 162 -17.54 13.43 21.31
N GLU B 163 -17.70 12.77 20.26
CA GLU B 163 -16.76 11.85 19.64
C GLU B 163 -15.54 12.58 19.13
N LEU B 164 -15.72 13.79 18.62
CA LEU B 164 -14.58 14.58 18.19
C LEU B 164 -13.72 14.99 19.36
N GLN B 165 -14.37 15.48 20.40
CA GLN B 165 -13.75 15.89 21.65
C GLN B 165 -12.99 14.69 22.20
N LYS B 166 -13.57 13.51 22.08
CA LYS B 166 -12.81 12.34 22.55
C LYS B 166 -11.48 12.19 21.82
N PHE B 167 -11.52 12.39 20.53
CA PHE B 167 -10.34 12.24 19.65
C PHE B 167 -9.33 13.33 19.85
N VAL B 168 -9.71 14.56 20.00
CA VAL B 168 -8.75 15.70 20.06
C VAL B 168 -8.21 15.96 21.42
N GLY B 169 -8.76 15.29 22.42
CA GLY B 169 -8.37 15.42 23.81
C GLY B 169 -8.78 16.72 24.47
N ASP B 170 -7.76 17.49 24.87
CA ASP B 170 -7.97 18.74 25.61
C ASP B 170 -8.30 19.96 24.74
N THR B 171 -8.03 19.85 23.46
CA THR B 171 -8.24 20.98 22.52
C THR B 171 -9.68 21.55 22.64
N VAL B 172 -9.78 22.86 22.60
CA VAL B 172 -11.11 23.52 22.66
C VAL B 172 -11.63 23.62 21.22
N LEU B 173 -12.87 23.22 21.13
CA LEU B 173 -13.69 23.16 19.92
C LEU B 173 -14.83 24.18 20.00
N GLU B 174 -14.61 25.32 19.36
CA GLU B 174 -15.63 26.38 19.35
C GLU B 174 -16.62 26.12 18.27
N ASP B 175 -17.88 26.48 18.40
CA ASP B 175 -18.83 26.19 17.33
C ASP B 175 -18.93 27.44 16.45
N ASP B 176 -19.30 27.33 15.20
CA ASP B 176 -19.62 28.46 14.36
C ASP B 176 -18.63 29.60 14.45
N ILE B 177 -17.38 29.22 14.15
CA ILE B 177 -16.27 30.18 14.24
C ILE B 177 -16.34 31.15 13.06
N LYS B 178 -16.33 32.39 13.42
CA LYS B 178 -16.33 33.41 12.30
C LYS B 178 -14.95 33.99 12.13
N GLU B 179 -14.56 34.19 10.88
CA GLU B 179 -13.34 34.91 10.50
C GLU B 179 -13.62 35.63 9.20
N GLY B 180 -13.72 36.93 9.22
CA GLY B 180 -14.11 37.66 7.96
C GLY B 180 -15.51 37.19 7.58
N ASP B 181 -15.76 36.83 6.31
CA ASP B 181 -17.04 36.30 5.91
C ASP B 181 -17.20 34.79 6.09
N PHE B 182 -16.19 34.07 6.56
CA PHE B 182 -16.37 32.60 6.69
C PHE B 182 -16.89 32.23 8.10
N THR B 183 -17.62 31.17 8.09
CA THR B 183 -18.12 30.51 9.33
C THR B 183 -17.74 29.02 9.13
N TYR B 184 -17.18 28.42 10.20
CA TYR B 184 -16.83 27.01 10.16
C TYR B 184 -16.94 26.26 11.48
N ASN B 185 -16.92 24.94 11.28
CA ASN B 185 -17.02 23.96 12.35
C ASN B 185 -16.10 22.73 11.99
N TYR B 186 -15.57 22.24 13.09
CA TYR B 186 -14.72 20.99 12.99
C TYR B 186 -15.63 19.80 13.08
N THR B 187 -15.46 18.75 12.31
CA THR B 187 -16.31 17.57 12.38
C THR B 187 -15.47 16.29 12.31
N LEU B 188 -16.11 15.23 12.76
CA LEU B 188 -15.50 13.88 12.72
C LEU B 188 -16.48 12.91 12.04
N TRP B 189 -15.89 12.11 11.14
CA TRP B 189 -16.69 11.10 10.40
C TRP B 189 -16.02 9.74 10.50
N THR B 190 -16.88 8.74 10.61
CA THR B 190 -16.49 7.31 10.58
C THR B 190 -17.22 6.57 9.49
N ARG B 191 -16.74 5.38 9.09
CA ARG B 191 -17.27 4.59 8.01
C ARG B 191 -18.61 3.93 8.37
N LYS B 192 -19.42 3.89 7.33
CA LYS B 192 -20.72 3.22 7.38
C LYS B 192 -20.59 1.72 7.22
#